data_6TUL
#
_entry.id   6TUL
#
_cell.length_a   53.537
_cell.length_b   69.244
_cell.length_c   106.517
_cell.angle_alpha   90.000
_cell.angle_beta   90.000
_cell.angle_gamma   90.000
#
_symmetry.space_group_name_H-M   'P 21 21 21'
#
loop_
_entity.id
_entity.type
_entity.pdbx_description
1 polymer 'Fab C0021177 heavy chain (IgG1)'
2 polymer 'Fab C0021177 light chain (IgG1)'
3 non-polymer 'TETRAETHYLENE GLYCOL'
4 non-polymer 'HEXAETHYLENE GLYCOL'
5 non-polymer D-MALATE
6 non-polymer 'TRIETHYLENE GLYCOL'
7 water water
#
loop_
_entity_poly.entity_id
_entity_poly.type
_entity_poly.pdbx_seq_one_letter_code
_entity_poly.pdbx_strand_id
1 'polypeptide(L)'
;GAHSEVQLLESGGGLVQPGGSLRLSCAASGFTFRYEVAAWVRQAPGKGLEWVSAISGPAPKGYYADSVKGRFTISRDNSK
NTLYLQMNSLRAEDTAVYYCARLRADLGLYMDLWGRGTLVTVSSASTKGPSVFPLAPSSKSTSGGTAALGCLVKDYFPEP
VTVSWNSGALTSGVHTFPAVLQSSGLYSLSSVVTVPSSSLGTQTYICNVNHKPSNTKVDKRVEPKSCDKTHAA
;
HHH
2 'polypeptide(L)'
;GVHSQSELTQPPTASAAPGQKVTISCSGSSSNIGNHYVSWYQQLPGTAPKLLIYDTTVLSSGIPDRFSGSKSGTSATLGI
TGLQTGDEADYYCGTWDELTSNLVFGGGTKLTVLGQPKAAPSVTLFPPSSEELQANKATLVCLISDFYPGAVTVAWKADS
SPVKAGVETTTPSKQSNNKYAASSYLSLTPEQWKSHRSYSCQVTHEGSTVEKTVAPTECS
;
LLL
#
# COMPACT_ATOMS: atom_id res chain seq x y z
N GLN A 7 -2.15 19.20 -4.97
CA GLN A 7 -2.43 17.89 -4.31
C GLN A 7 -2.89 18.11 -2.86
N LEU A 8 -3.82 17.27 -2.39
CA LEU A 8 -4.29 17.22 -0.97
C LEU A 8 -3.37 16.29 -0.18
N LEU A 9 -3.26 16.49 1.13
CA LEU A 9 -2.46 15.61 2.04
C LEU A 9 -3.15 15.52 3.40
N GLU A 10 -3.38 14.29 3.87
CA GLU A 10 -4.06 13.96 5.15
C GLU A 10 -3.02 13.67 6.22
N SER A 11 -3.32 14.01 7.48
CA SER A 11 -2.52 13.65 8.69
C SER A 11 -3.47 13.37 9.87
N GLY A 12 -2.99 12.64 10.87
CA GLY A 12 -3.75 12.23 12.07
C GLY A 12 -3.74 10.72 12.25
N GLY A 13 -3.70 9.96 11.13
CA GLY A 13 -3.73 8.50 11.12
C GLY A 13 -2.80 7.89 12.16
N GLY A 14 -3.30 6.93 12.94
CA GLY A 14 -2.56 6.22 13.99
C GLY A 14 -3.44 5.23 14.73
N LEU A 15 -2.97 4.75 15.89
CA LEU A 15 -3.67 3.75 16.73
C LEU A 15 -4.68 4.44 17.64
N VAL A 16 -5.89 3.89 17.74
CA VAL A 16 -6.95 4.32 18.69
C VAL A 16 -7.62 3.05 19.24
N GLN A 17 -8.00 3.07 20.51
CA GLN A 17 -8.60 1.90 21.21
C GLN A 17 -10.09 1.85 20.86
N PRO A 18 -10.74 0.66 20.91
CA PRO A 18 -12.20 0.58 20.81
C PRO A 18 -12.90 1.54 21.77
N GLY A 19 -13.81 2.37 21.24
CA GLY A 19 -14.53 3.42 22.00
C GLY A 19 -13.75 4.72 22.06
N GLY A 20 -12.63 4.81 21.33
CA GLY A 20 -11.70 5.97 21.35
C GLY A 20 -12.06 7.00 20.28
N SER A 21 -11.35 8.14 20.27
CA SER A 21 -11.61 9.31 19.39
C SER A 21 -10.33 9.74 18.67
N LEU A 22 -10.46 10.25 17.45
CA LEU A 22 -9.33 10.73 16.60
C LEU A 22 -9.83 11.84 15.67
N ARG A 23 -9.07 12.94 15.56
CA ARG A 23 -9.30 14.06 14.60
C ARG A 23 -8.33 13.93 13.44
N LEU A 24 -8.84 13.60 12.24
CA LEU A 24 -8.06 13.55 10.98
C LEU A 24 -8.06 14.94 10.34
N SER A 25 -6.92 15.35 9.77
CA SER A 25 -6.71 16.65 9.09
C SER A 25 -6.47 16.42 7.59
N CYS A 26 -6.78 17.42 6.77
CA CYS A 26 -6.52 17.45 5.30
C CYS A 26 -6.31 18.92 4.87
N ALA A 27 -5.07 19.26 4.51
CA ALA A 27 -4.65 20.62 4.07
C ALA A 27 -4.67 20.70 2.53
N ALA A 28 -5.18 21.81 2.00
CA ALA A 28 -5.19 22.13 0.55
C ALA A 28 -4.01 23.06 0.24
N SER A 29 -3.01 22.55 -0.49
CA SER A 29 -1.74 23.26 -0.83
C SER A 29 -1.99 24.34 -1.89
N GLY A 30 -2.99 24.14 -2.75
CA GLY A 30 -3.33 25.06 -3.85
C GLY A 30 -4.64 25.81 -3.62
N PHE A 31 -5.77 25.19 -3.97
CA PHE A 31 -7.14 25.77 -3.95
C PHE A 31 -7.64 25.91 -2.50
N THR A 32 -8.81 26.55 -2.34
CA THR A 32 -9.52 26.77 -1.05
C THR A 32 -10.53 25.65 -0.82
N PHE A 33 -10.82 25.32 0.45
CA PHE A 33 -11.77 24.25 0.86
C PHE A 33 -13.18 24.83 1.08
N ARG A 34 -13.25 26.12 1.43
CA ARG A 34 -14.50 26.82 1.85
C ARG A 34 -15.50 26.94 0.68
N TYR A 35 -15.03 26.88 -0.57
CA TYR A 35 -15.86 27.11 -1.79
C TYR A 35 -15.82 25.88 -2.73
N GLU A 36 -15.60 24.68 -2.18
CA GLU A 36 -15.68 23.40 -2.93
C GLU A 36 -16.30 22.34 -2.01
N VAL A 37 -17.08 21.41 -2.57
CA VAL A 37 -17.68 20.26 -1.82
C VAL A 37 -16.56 19.25 -1.54
N ALA A 38 -16.25 19.05 -0.25
CA ALA A 38 -15.18 18.14 0.24
C ALA A 38 -15.81 16.85 0.77
N ALA A 39 -15.11 15.71 0.62
CA ALA A 39 -15.58 14.37 1.02
C ALA A 39 -14.44 13.60 1.72
N TRP A 40 -14.81 12.64 2.56
CA TRP A 40 -13.90 11.58 3.11
C TRP A 40 -14.37 10.22 2.59
N VAL A 41 -13.44 9.45 2.01
CA VAL A 41 -13.66 8.03 1.58
C VAL A 41 -12.67 7.16 2.36
N ARG A 42 -13.10 5.95 2.75
CA ARG A 42 -12.23 4.98 3.49
C ARG A 42 -12.19 3.66 2.72
N GLN A 43 -11.13 2.88 2.93
CA GLN A 43 -10.90 1.55 2.31
C GLN A 43 -10.27 0.62 3.35
N ALA A 44 -11.09 -0.26 3.95
CA ALA A 44 -10.65 -1.30 4.92
C ALA A 44 -9.70 -2.27 4.22
N PRO A 45 -8.65 -2.78 4.90
CA PRO A 45 -7.71 -3.72 4.30
C PRO A 45 -8.43 -4.88 3.59
N GLY A 46 -8.06 -5.15 2.33
CA GLY A 46 -8.63 -6.21 1.48
C GLY A 46 -9.89 -5.75 0.76
N LYS A 47 -10.71 -4.89 1.39
CA LYS A 47 -12.08 -4.52 0.94
C LYS A 47 -12.02 -3.31 0.00
N GLY A 48 -13.15 -2.96 -0.61
CA GLY A 48 -13.27 -1.91 -1.65
C GLY A 48 -13.49 -0.54 -1.06
N LEU A 49 -13.85 0.43 -1.91
CA LEU A 49 -14.07 1.85 -1.55
C LEU A 49 -15.43 2.00 -0.84
N GLU A 50 -15.49 2.86 0.17
CA GLU A 50 -16.70 3.19 0.95
C GLU A 50 -16.68 4.67 1.31
N TRP A 51 -17.68 5.43 0.84
CA TRP A 51 -17.88 6.86 1.18
C TRP A 51 -18.15 6.97 2.69
N VAL A 52 -17.67 8.06 3.31
CA VAL A 52 -17.79 8.31 4.78
C VAL A 52 -18.67 9.54 5.00
N SER A 53 -18.22 10.71 4.55
CA SER A 53 -18.85 12.03 4.82
C SER A 53 -18.62 13.00 3.65
N ALA A 54 -19.49 14.01 3.53
CA ALA A 54 -19.38 15.14 2.58
C ALA A 54 -19.84 16.44 3.25
N ILE A 55 -19.29 17.58 2.82
CA ILE A 55 -19.55 18.94 3.40
C ILE A 55 -19.56 19.95 2.26
N SER A 56 -20.63 20.74 2.14
CA SER A 56 -20.81 21.79 1.11
C SER A 56 -20.07 23.07 1.52
N GLY A 57 -19.88 24.00 0.58
CA GLY A 57 -19.12 25.24 0.75
C GLY A 57 -19.73 26.20 1.77
N PRO A 58 -21.05 26.50 1.68
CA PRO A 58 -21.64 27.60 2.45
C PRO A 58 -21.37 27.58 3.98
N ALA A 59 -21.72 26.47 4.65
CA ALA A 59 -21.75 26.33 6.12
C ALA A 59 -21.35 24.92 6.51
N PRO A 60 -21.05 24.64 7.81
CA PRO A 60 -20.72 23.30 8.26
C PRO A 60 -21.97 22.43 8.54
N LYS A 61 -22.74 22.15 7.48
CA LYS A 61 -23.86 21.16 7.47
C LYS A 61 -23.44 19.98 6.58
N GLY A 62 -22.97 18.89 7.20
CA GLY A 62 -22.38 17.72 6.52
C GLY A 62 -23.37 16.57 6.38
N TYR A 63 -23.11 15.68 5.42
CA TYR A 63 -23.85 14.41 5.18
C TYR A 63 -22.88 13.25 5.45
N TYR A 64 -23.37 12.20 6.13
CA TYR A 64 -22.58 11.02 6.55
C TYR A 64 -23.23 9.74 6.02
N ALA A 65 -22.42 8.73 5.70
CA ALA A 65 -22.86 7.37 5.31
C ALA A 65 -23.58 6.72 6.49
N ASP A 66 -24.43 5.72 6.21
CA ASP A 66 -25.27 5.02 7.21
C ASP A 66 -24.37 4.40 8.29
N SER A 67 -23.15 3.98 7.91
CA SER A 67 -22.18 3.27 8.80
C SER A 67 -21.63 4.20 9.90
N VAL A 68 -21.44 5.50 9.59
CA VAL A 68 -20.65 6.45 10.44
C VAL A 68 -21.54 7.55 11.04
N LYS A 69 -22.83 7.61 10.69
CA LYS A 69 -23.76 8.70 11.09
C LYS A 69 -23.76 8.86 12.61
N GLY A 70 -23.56 10.08 13.10
CA GLY A 70 -23.57 10.45 14.53
C GLY A 70 -22.20 10.41 15.15
N ARG A 71 -21.55 9.25 15.10
CA ARG A 71 -20.20 8.98 15.69
C ARG A 71 -19.17 9.93 15.06
N PHE A 72 -19.29 10.19 13.75
CA PHE A 72 -18.37 11.00 12.93
C PHE A 72 -18.92 12.42 12.77
N THR A 73 -18.05 13.43 12.81
CA THR A 73 -18.38 14.86 12.64
C THR A 73 -17.35 15.50 11.70
N ILE A 74 -17.79 15.93 10.51
CA ILE A 74 -16.95 16.62 9.49
C ILE A 74 -17.03 18.13 9.73
N SER A 75 -15.92 18.85 9.55
CA SER A 75 -15.82 20.31 9.72
C SER A 75 -14.60 20.83 8.96
N ARG A 76 -14.52 22.15 8.75
CA ARG A 76 -13.36 22.83 8.14
C ARG A 76 -13.10 24.15 8.87
N ASP A 77 -11.84 24.38 9.29
CA ASP A 77 -11.37 25.70 9.75
C ASP A 77 -11.41 26.63 8.54
N ASN A 78 -12.28 27.64 8.55
CA ASN A 78 -12.60 28.51 7.40
C ASN A 78 -11.32 29.18 6.88
N SER A 79 -10.32 29.36 7.76
CA SER A 79 -8.98 29.93 7.44
C SER A 79 -7.96 28.81 7.22
N LYS A 80 -7.02 29.02 6.28
CA LYS A 80 -5.87 28.12 5.96
C LYS A 80 -6.38 26.76 5.48
N ASN A 81 -7.37 26.76 4.57
CA ASN A 81 -7.81 25.60 3.77
C ASN A 81 -7.53 24.29 4.53
N THR A 82 -8.23 24.06 5.64
CA THR A 82 -8.08 22.87 6.52
C THR A 82 -9.42 22.16 6.64
N LEU A 83 -9.50 20.91 6.17
CA LEU A 83 -10.67 20.00 6.35
C LEU A 83 -10.36 19.01 7.48
N TYR A 84 -11.23 18.96 8.50
CA TYR A 84 -11.13 18.05 9.66
C TYR A 84 -12.17 16.92 9.52
N LEU A 85 -11.93 15.79 10.19
CA LEU A 85 -12.93 14.73 10.44
C LEU A 85 -12.78 14.24 11.89
N GLN A 86 -13.72 14.63 12.75
CA GLN A 86 -13.80 14.16 14.17
C GLN A 86 -14.42 12.76 14.17
N MET A 87 -13.62 11.74 14.47
CA MET A 87 -14.06 10.32 14.59
C MET A 87 -14.14 9.94 16.06
N ASN A 88 -15.35 9.66 16.56
CA ASN A 88 -15.63 9.26 17.97
C ASN A 88 -16.27 7.87 17.99
N SER A 89 -16.26 7.21 19.15
CA SER A 89 -16.89 5.89 19.40
C SER A 89 -16.44 4.89 18.32
N LEU A 90 -15.13 4.76 18.13
CA LEU A 90 -14.51 3.94 17.06
C LEU A 90 -14.48 2.47 17.49
N ARG A 91 -14.71 1.56 16.53
CA ARG A 91 -14.60 0.09 16.71
C ARG A 91 -13.82 -0.50 15.53
N ALA A 92 -13.48 -1.79 15.60
CA ALA A 92 -12.57 -2.51 14.67
C ALA A 92 -12.98 -2.28 13.20
N GLU A 93 -14.28 -2.14 12.94
CA GLU A 93 -14.88 -2.03 11.58
C GLU A 93 -14.40 -0.74 10.90
N ASP A 94 -13.97 0.26 11.69
CA ASP A 94 -13.53 1.59 11.20
C ASP A 94 -12.05 1.55 10.79
N THR A 95 -11.34 0.44 11.06
CA THR A 95 -9.92 0.24 10.65
C THR A 95 -9.84 0.30 9.13
N ALA A 96 -9.22 1.37 8.58
CA ALA A 96 -9.16 1.64 7.13
C ALA A 96 -8.20 2.79 6.83
N VAL A 97 -7.80 2.92 5.56
CA VAL A 97 -7.13 4.13 5.00
C VAL A 97 -8.22 5.17 4.69
N TYR A 98 -8.08 6.38 5.23
CA TYR A 98 -9.05 7.49 5.07
C TYR A 98 -8.45 8.53 4.12
N TYR A 99 -9.12 8.76 2.98
CA TYR A 99 -8.75 9.77 1.95
C TYR A 99 -9.69 10.97 2.07
N CYS A 100 -9.13 12.19 2.10
CA CYS A 100 -9.87 13.45 1.80
C CYS A 100 -9.81 13.65 0.27
N ALA A 101 -10.77 14.37 -0.29
CA ALA A 101 -10.96 14.52 -1.75
C ALA A 101 -12.00 15.61 -2.04
N ARG A 102 -11.91 16.23 -3.23
CA ARG A 102 -12.97 17.13 -3.77
C ARG A 102 -14.07 16.25 -4.39
N LEU A 103 -15.33 16.51 -4.02
CA LEU A 103 -16.53 15.84 -4.59
C LEU A 103 -17.17 16.79 -5.61
N ARG A 104 -17.29 16.37 -6.87
CA ARG A 104 -18.05 17.08 -7.93
C ARG A 104 -19.50 16.59 -7.87
N ALA A 105 -20.46 17.50 -7.73
CA ALA A 105 -21.90 17.20 -7.56
C ALA A 105 -22.76 18.16 -8.38
N ASP A 106 -22.40 18.36 -9.65
CA ASP A 106 -23.14 19.22 -10.61
C ASP A 106 -24.03 18.35 -11.50
N LEU A 107 -23.44 17.33 -12.14
CA LEU A 107 -24.15 16.33 -12.98
C LEU A 107 -24.11 14.97 -12.25
N GLY A 108 -22.97 14.28 -12.29
CA GLY A 108 -22.73 13.04 -11.55
C GLY A 108 -21.95 13.30 -10.28
N LEU A 109 -22.09 12.44 -9.27
CA LEU A 109 -21.31 12.51 -8.01
C LEU A 109 -20.06 11.63 -8.16
N TYR A 110 -18.88 12.25 -8.17
CA TYR A 110 -17.55 11.60 -8.28
C TYR A 110 -16.49 12.48 -7.62
N MET A 111 -15.36 11.87 -7.23
CA MET A 111 -14.20 12.56 -6.61
C MET A 111 -13.06 12.59 -7.64
N ASP A 112 -12.62 13.80 -8.03
CA ASP A 112 -11.62 14.02 -9.11
C ASP A 112 -10.24 14.26 -8.51
N LEU A 113 -10.16 14.93 -7.35
CA LEU A 113 -8.91 15.16 -6.58
C LEU A 113 -8.91 14.23 -5.36
N TRP A 114 -7.86 13.43 -5.20
CA TRP A 114 -7.65 12.50 -4.04
C TRP A 114 -6.36 12.87 -3.33
N GLY A 115 -6.33 12.74 -1.99
CA GLY A 115 -5.10 12.81 -1.18
C GLY A 115 -4.37 11.47 -1.18
N ARG A 116 -3.19 11.40 -0.57
CA ARG A 116 -2.37 10.16 -0.47
C ARG A 116 -3.10 9.14 0.43
N GLY A 117 -3.71 9.62 1.52
CA GLY A 117 -4.46 8.79 2.49
C GLY A 117 -3.66 8.58 3.76
N THR A 118 -4.33 8.24 4.86
CA THR A 118 -3.74 8.00 6.20
C THR A 118 -4.46 6.84 6.87
N LEU A 119 -3.71 5.82 7.33
CA LEU A 119 -4.26 4.58 7.92
C LEU A 119 -4.69 4.85 9.37
N VAL A 120 -5.96 4.62 9.65
CA VAL A 120 -6.54 4.57 11.03
C VAL A 120 -6.64 3.09 11.42
N THR A 121 -6.11 2.72 12.58
CA THR A 121 -6.14 1.34 13.12
C THR A 121 -6.82 1.36 14.49
N VAL A 122 -7.97 0.70 14.60
CA VAL A 122 -8.74 0.53 15.86
C VAL A 122 -8.40 -0.85 16.42
N SER A 123 -7.76 -0.91 17.59
CA SER A 123 -7.23 -2.15 18.22
C SER A 123 -6.81 -1.87 19.66
N SER A 124 -7.01 -2.85 20.55
CA SER A 124 -6.57 -2.83 21.96
C SER A 124 -5.09 -3.25 22.04
N ALA A 125 -4.19 -2.34 21.68
CA ALA A 125 -2.73 -2.51 21.72
C ALA A 125 -2.05 -1.14 21.86
N SER A 126 -0.73 -1.13 22.00
CA SER A 126 0.09 0.10 22.22
C SER A 126 0.80 0.47 20.92
N THR A 127 0.97 1.78 20.68
CA THR A 127 1.87 2.31 19.63
C THR A 127 3.31 1.99 20.03
N LYS A 128 4.12 1.53 19.07
CA LYS A 128 5.58 1.27 19.25
C LYS A 128 6.32 1.81 18.03
N GLY A 129 7.25 2.75 18.24
CA GLY A 129 8.17 3.25 17.20
C GLY A 129 9.09 2.15 16.71
N PRO A 130 9.58 2.22 15.46
CA PRO A 130 10.45 1.18 14.91
C PRO A 130 11.89 1.22 15.46
N SER A 131 12.50 0.04 15.62
CA SER A 131 13.96 -0.16 15.75
C SER A 131 14.54 -0.39 14.36
N VAL A 132 15.28 0.59 13.84
CA VAL A 132 15.86 0.59 12.45
C VAL A 132 17.31 0.10 12.53
N PHE A 133 17.64 -0.96 11.79
CA PHE A 133 19.01 -1.54 11.69
C PHE A 133 19.48 -1.50 10.25
N PRO A 134 20.75 -1.14 9.98
CA PRO A 134 21.29 -1.13 8.63
C PRO A 134 21.56 -2.54 8.10
N LEU A 135 21.12 -2.84 6.89
CA LEU A 135 21.47 -4.07 6.13
C LEU A 135 22.69 -3.74 5.26
N ALA A 136 23.89 -3.91 5.82
CA ALA A 136 25.19 -3.52 5.22
C ALA A 136 25.42 -4.28 3.93
N PRO A 137 26.00 -3.62 2.89
CA PRO A 137 26.40 -4.33 1.67
C PRO A 137 27.70 -5.11 1.88
N SER A 138 27.78 -6.33 1.36
CA SER A 138 28.99 -7.18 1.29
C SER A 138 29.31 -7.49 -0.18
N SER A 139 30.42 -8.20 -0.43
CA SER A 139 30.87 -8.62 -1.79
C SER A 139 30.53 -10.10 -2.01
N LYS A 140 29.34 -10.54 -1.58
CA LYS A 140 28.87 -11.95 -1.68
C LYS A 140 27.36 -11.96 -1.98
N SER A 141 26.54 -12.13 -0.93
CA SER A 141 25.07 -12.36 -1.02
C SER A 141 24.35 -11.06 -1.39
N THR A 142 25.00 -9.91 -1.17
CA THR A 142 24.45 -8.55 -1.42
C THR A 142 25.04 -7.97 -2.71
N SER A 143 25.60 -8.81 -3.59
CA SER A 143 26.24 -8.41 -4.86
C SER A 143 25.86 -9.39 -5.97
N GLY A 144 25.08 -8.92 -6.95
CA GLY A 144 24.70 -9.66 -8.17
C GLY A 144 25.03 -8.85 -9.41
N GLY A 145 26.32 -8.52 -9.59
CA GLY A 145 26.82 -7.58 -10.61
C GLY A 145 26.86 -6.15 -10.08
N THR A 146 25.85 -5.80 -9.27
CA THR A 146 25.72 -4.50 -8.55
C THR A 146 25.35 -4.80 -7.08
N ALA A 147 25.97 -4.09 -6.13
CA ALA A 147 25.79 -4.29 -4.68
C ALA A 147 24.40 -3.82 -4.24
N ALA A 148 23.77 -4.54 -3.31
CA ALA A 148 22.46 -4.22 -2.70
C ALA A 148 22.64 -3.97 -1.20
N LEU A 149 22.07 -2.87 -0.69
CA LEU A 149 22.05 -2.51 0.74
C LEU A 149 20.64 -2.04 1.10
N GLY A 150 20.29 -2.02 2.39
CA GLY A 150 18.94 -1.68 2.86
C GLY A 150 18.90 -1.26 4.32
N CYS A 151 17.68 -1.15 4.86
CA CYS A 151 17.38 -0.88 6.29
C CYS A 151 16.31 -1.87 6.77
N LEU A 152 16.55 -2.50 7.92
CA LEU A 152 15.57 -3.36 8.64
C LEU A 152 14.77 -2.47 9.59
N VAL A 153 13.45 -2.38 9.39
CA VAL A 153 12.51 -1.54 10.20
C VAL A 153 11.66 -2.49 11.05
N LYS A 154 12.13 -2.81 12.26
CA LYS A 154 11.64 -3.97 13.06
C LYS A 154 10.79 -3.51 14.25
N ASP A 155 9.80 -4.33 14.62
CA ASP A 155 9.02 -4.26 15.89
C ASP A 155 8.40 -2.87 16.06
N TYR A 156 7.49 -2.49 15.15
CA TYR A 156 6.69 -1.24 15.21
C TYR A 156 5.20 -1.58 15.11
N PHE A 157 4.35 -0.68 15.60
CA PHE A 157 2.87 -0.79 15.55
C PHE A 157 2.26 0.59 15.75
N PRO A 158 1.16 0.96 15.05
CA PRO A 158 0.59 0.16 13.96
C PRO A 158 1.28 0.47 12.63
N GLU A 159 0.74 -0.03 11.51
CA GLU A 159 1.11 0.45 10.15
C GLU A 159 0.62 1.89 10.00
N PRO A 160 1.17 2.70 9.06
CA PRO A 160 2.28 2.31 8.20
C PRO A 160 3.64 2.94 8.55
N VAL A 161 4.68 2.49 7.84
CA VAL A 161 5.98 3.22 7.70
C VAL A 161 6.29 3.33 6.20
N THR A 162 6.92 4.44 5.81
CA THR A 162 7.43 4.69 4.44
C THR A 162 8.95 4.92 4.53
N VAL A 163 9.69 4.53 3.49
CA VAL A 163 11.17 4.68 3.42
C VAL A 163 11.55 5.27 2.06
N SER A 164 12.12 6.48 2.06
CA SER A 164 12.90 7.05 0.94
C SER A 164 14.39 6.83 1.24
N TRP A 165 15.27 7.23 0.31
CA TRP A 165 16.75 7.09 0.44
C TRP A 165 17.42 8.39 0.03
N ASN A 166 18.33 8.89 0.86
CA ASN A 166 19.07 10.17 0.68
C ASN A 166 18.06 11.30 0.48
N SER A 167 16.99 11.31 1.29
CA SER A 167 15.92 12.33 1.31
C SER A 167 15.25 12.43 -0.07
N GLY A 168 15.02 11.28 -0.72
CA GLY A 168 14.28 11.19 -2.01
C GLY A 168 15.17 11.40 -3.22
N ALA A 169 16.45 11.72 -3.02
CA ALA A 169 17.46 11.91 -4.08
C ALA A 169 17.79 10.55 -4.73
N LEU A 170 17.49 9.45 -4.03
CA LEU A 170 17.70 8.05 -4.50
C LEU A 170 16.35 7.34 -4.57
N THR A 171 15.94 6.94 -5.78
CA THR A 171 14.62 6.31 -6.10
C THR A 171 14.82 5.07 -6.97
N SER A 172 15.63 5.18 -8.04
CA SER A 172 16.01 4.06 -8.94
C SER A 172 16.79 3.00 -8.16
N GLY A 173 16.27 1.77 -8.11
CA GLY A 173 16.87 0.63 -7.39
C GLY A 173 16.14 0.35 -6.09
N VAL A 174 15.33 1.30 -5.61
CA VAL A 174 14.58 1.21 -4.32
C VAL A 174 13.34 0.33 -4.52
N HIS A 175 13.21 -0.72 -3.70
CA HIS A 175 11.91 -1.38 -3.38
C HIS A 175 11.74 -1.44 -1.86
N THR A 176 10.72 -0.76 -1.34
CA THR A 176 10.22 -0.91 0.05
C THR A 176 9.19 -2.05 0.04
N PHE A 177 9.49 -3.15 0.75
CA PHE A 177 8.69 -4.40 0.74
C PHE A 177 7.46 -4.21 1.62
N PRO A 178 6.42 -5.07 1.47
CA PRO A 178 5.29 -5.06 2.39
C PRO A 178 5.72 -5.42 3.81
N ALA A 179 4.97 -4.97 4.81
CA ALA A 179 5.16 -5.33 6.23
C ALA A 179 4.46 -6.67 6.49
N VAL A 180 4.95 -7.42 7.48
CA VAL A 180 4.33 -8.68 7.99
C VAL A 180 4.10 -8.51 9.49
N LEU A 181 2.88 -8.78 9.96
CA LEU A 181 2.53 -8.81 11.40
C LEU A 181 3.11 -10.10 11.99
N GLN A 182 4.14 -9.97 12.84
CA GLN A 182 4.82 -11.10 13.51
C GLN A 182 3.90 -11.65 14.61
N SER A 183 4.14 -12.89 15.04
CA SER A 183 3.35 -13.58 16.09
C SER A 183 3.36 -12.76 17.40
N SER A 184 4.30 -11.83 17.53
CA SER A 184 4.42 -10.85 18.65
C SER A 184 3.36 -9.74 18.56
N GLY A 185 2.70 -9.59 17.40
CA GLY A 185 1.74 -8.50 17.14
C GLY A 185 2.44 -7.21 16.75
N LEU A 186 3.74 -7.28 16.42
CA LEU A 186 4.57 -6.15 15.94
C LEU A 186 4.96 -6.40 14.48
N TYR A 187 5.16 -5.32 13.71
CA TYR A 187 5.44 -5.36 12.26
C TYR A 187 6.95 -5.31 12.01
N SER A 188 7.39 -5.96 10.94
CA SER A 188 8.73 -5.81 10.30
C SER A 188 8.53 -5.48 8.83
N LEU A 189 9.35 -4.57 8.28
CA LEU A 189 9.55 -4.43 6.81
C LEU A 189 10.98 -3.97 6.54
N SER A 190 11.44 -4.19 5.30
CA SER A 190 12.79 -3.80 4.81
C SER A 190 12.63 -2.91 3.57
N SER A 191 13.65 -2.10 3.28
CA SER A 191 13.79 -1.31 2.04
C SER A 191 15.23 -1.45 1.55
N VAL A 192 15.44 -2.05 0.38
CA VAL A 192 16.79 -2.16 -0.27
C VAL A 192 16.87 -1.16 -1.42
N VAL A 193 18.10 -0.84 -1.82
CA VAL A 193 18.42 -0.16 -3.10
C VAL A 193 19.61 -0.89 -3.73
N THR A 194 19.51 -1.26 -5.00
CA THR A 194 20.61 -1.87 -5.80
C THR A 194 21.45 -0.72 -6.38
N VAL A 195 22.77 -0.79 -6.20
CA VAL A 195 23.74 0.27 -6.64
C VAL A 195 24.96 -0.42 -7.25
N PRO A 196 25.54 0.13 -8.35
CA PRO A 196 26.81 -0.39 -8.87
C PRO A 196 27.87 -0.52 -7.77
N SER A 197 28.56 -1.66 -7.73
CA SER A 197 29.54 -2.05 -6.69
C SER A 197 30.65 -1.00 -6.57
N SER A 198 31.06 -0.40 -7.69
CA SER A 198 32.13 0.64 -7.79
C SER A 198 31.78 1.85 -6.91
N SER A 199 30.49 2.20 -6.82
CA SER A 199 29.98 3.42 -6.13
C SER A 199 30.13 3.30 -4.60
N LEU A 200 29.88 2.12 -4.05
CA LEU A 200 29.79 1.85 -2.57
C LEU A 200 30.73 2.79 -1.80
N GLY A 201 32.05 2.62 -1.98
CA GLY A 201 33.09 3.38 -1.25
C GLY A 201 32.75 4.85 -1.11
N THR A 202 32.61 5.56 -2.25
CA THR A 202 32.33 7.02 -2.34
C THR A 202 30.98 7.33 -1.70
N GLN A 203 29.89 6.86 -2.31
CA GLN A 203 28.49 7.30 -2.04
C GLN A 203 28.14 7.10 -0.56
N THR A 204 27.38 8.05 0.01
CA THR A 204 26.79 8.00 1.37
C THR A 204 25.31 7.60 1.26
N TYR A 205 24.87 6.61 2.03
CA TYR A 205 23.51 6.03 1.97
C TYR A 205 22.79 6.24 3.30
N ILE A 206 21.72 7.04 3.27
CA ILE A 206 20.76 7.28 4.40
C ILE A 206 19.38 6.82 3.96
N CYS A 207 18.76 5.90 4.70
CA CYS A 207 17.32 5.52 4.55
C CYS A 207 16.50 6.39 5.50
N ASN A 208 15.45 7.03 4.98
CA ASN A 208 14.57 7.97 5.73
C ASN A 208 13.30 7.23 6.14
N VAL A 209 13.36 6.50 7.24
CA VAL A 209 12.23 5.69 7.80
C VAL A 209 11.25 6.64 8.49
N ASN A 210 9.99 6.62 8.06
CA ASN A 210 8.91 7.52 8.56
C ASN A 210 7.83 6.66 9.23
N HIS A 211 7.50 6.93 10.50
CA HIS A 211 6.44 6.25 11.28
C HIS A 211 5.53 7.31 11.89
N LYS A 212 4.57 7.83 11.10
CA LYS A 212 3.64 8.92 11.48
C LYS A 212 2.79 8.52 12.69
N PRO A 213 2.29 7.27 12.78
CA PRO A 213 1.49 6.84 13.94
C PRO A 213 2.14 7.07 15.31
N SER A 214 3.47 7.01 15.41
CA SER A 214 4.25 7.28 16.66
C SER A 214 4.95 8.65 16.56
N ASN A 215 4.81 9.35 15.43
CA ASN A 215 5.44 10.67 15.15
C ASN A 215 6.97 10.51 15.24
N THR A 216 7.51 9.47 14.59
CA THR A 216 8.95 9.10 14.62
C THR A 216 9.52 9.10 13.19
N LYS A 217 10.70 9.71 13.02
CA LYS A 217 11.49 9.68 11.76
C LYS A 217 12.94 9.28 12.11
N VAL A 218 13.41 8.16 11.56
CA VAL A 218 14.80 7.65 11.76
C VAL A 218 15.56 7.78 10.44
N ASP A 219 16.64 8.57 10.44
CA ASP A 219 17.63 8.62 9.33
C ASP A 219 18.82 7.75 9.73
N LYS A 220 18.91 6.53 9.17
CA LYS A 220 19.95 5.53 9.50
C LYS A 220 21.01 5.52 8.38
N ARG A 221 22.28 5.70 8.75
CA ARG A 221 23.44 5.64 7.82
C ARG A 221 23.81 4.16 7.62
N VAL A 222 23.73 3.68 6.36
CA VAL A 222 24.16 2.32 5.95
C VAL A 222 25.57 2.44 5.34
N GLU A 223 26.59 1.95 6.06
CA GLU A 223 28.02 2.02 5.65
C GLU A 223 28.48 0.63 5.20
N PRO A 224 29.54 0.56 4.36
CA PRO A 224 30.15 -0.73 4.02
C PRO A 224 30.82 -1.35 5.25
N LYS A 225 30.39 -2.55 5.65
CA LYS A 225 30.85 -3.29 6.85
C LYS A 225 32.38 -3.41 6.83
N GLU B 7 -24.56 -1.39 -2.85
CA GLU B 7 -25.63 -1.98 -3.72
C GLU B 7 -25.20 -1.93 -5.20
N LEU B 8 -23.88 -1.91 -5.46
CA LEU B 8 -23.27 -2.02 -6.83
C LEU B 8 -22.42 -3.29 -6.88
N THR B 9 -22.51 -4.02 -7.99
CA THR B 9 -21.89 -5.37 -8.16
C THR B 9 -21.05 -5.40 -9.44
N GLN B 10 -19.77 -5.77 -9.30
CA GLN B 10 -18.82 -6.03 -10.41
C GLN B 10 -18.33 -7.48 -10.31
N PRO B 11 -17.78 -8.06 -11.40
CA PRO B 11 -17.03 -9.31 -11.29
C PRO B 11 -15.72 -9.08 -10.53
N PRO B 12 -15.38 -9.91 -9.51
CA PRO B 12 -14.17 -9.68 -8.72
C PRO B 12 -12.88 -9.60 -9.53
N THR B 13 -12.80 -10.36 -10.64
CA THR B 13 -11.58 -10.47 -11.49
C THR B 13 -11.95 -10.32 -12.98
N ALA B 14 -11.02 -9.79 -13.77
CA ALA B 14 -11.09 -9.69 -15.25
C ALA B 14 -9.73 -10.08 -15.84
N SER B 15 -9.72 -10.75 -16.99
CA SER B 15 -8.51 -11.32 -17.63
C SER B 15 -8.55 -11.13 -19.15
N ALA B 16 -7.39 -10.81 -19.75
CA ALA B 16 -7.16 -10.71 -21.20
C ALA B 16 -5.66 -10.52 -21.48
N ALA B 17 -5.23 -10.75 -22.72
CA ALA B 17 -3.82 -10.71 -23.17
C ALA B 17 -3.49 -9.34 -23.74
N PRO B 18 -2.18 -8.97 -23.87
CA PRO B 18 -1.80 -7.68 -24.44
C PRO B 18 -2.38 -7.45 -25.84
N GLY B 19 -2.96 -6.26 -26.06
CA GLY B 19 -3.52 -5.83 -27.36
C GLY B 19 -4.99 -6.18 -27.51
N GLN B 20 -5.54 -7.00 -26.60
CA GLN B 20 -6.96 -7.45 -26.62
C GLN B 20 -7.86 -6.39 -25.98
N LYS B 21 -9.17 -6.49 -26.22
CA LYS B 21 -10.21 -5.64 -25.59
C LYS B 21 -10.82 -6.40 -24.41
N VAL B 22 -10.78 -5.81 -23.21
CA VAL B 22 -11.44 -6.34 -21.97
C VAL B 22 -12.47 -5.31 -21.51
N THR B 23 -13.64 -5.78 -21.09
CA THR B 23 -14.75 -4.95 -20.54
C THR B 23 -15.02 -5.38 -19.09
N ILE B 24 -15.15 -4.40 -18.19
CA ILE B 24 -15.56 -4.60 -16.78
C ILE B 24 -16.99 -4.07 -16.63
N SER B 25 -17.95 -4.97 -16.46
CA SER B 25 -19.38 -4.65 -16.23
C SER B 25 -19.56 -4.23 -14.77
N CYS B 26 -20.31 -3.15 -14.54
CA CYS B 26 -20.86 -2.76 -13.22
C CYS B 26 -22.38 -2.90 -13.28
N SER B 27 -22.93 -3.88 -12.58
CA SER B 27 -24.38 -4.22 -12.57
C SER B 27 -25.03 -3.62 -11.32
N GLY B 28 -26.21 -3.01 -11.49
CA GLY B 28 -26.99 -2.36 -10.42
C GLY B 28 -28.47 -2.52 -10.65
N SER B 29 -29.25 -1.45 -10.41
CA SER B 29 -30.71 -1.38 -10.60
C SER B 29 -31.06 -0.09 -11.35
N SER B 30 -32.35 0.27 -11.41
CA SER B 30 -32.86 1.55 -11.95
C SER B 30 -32.59 2.68 -10.94
N SER B 31 -32.43 2.35 -9.66
CA SER B 31 -32.29 3.30 -8.53
C SER B 31 -30.88 3.95 -8.50
N ASN B 32 -29.90 3.35 -9.19
CA ASN B 32 -28.50 3.87 -9.24
C ASN B 32 -28.10 4.05 -10.71
N ILE B 33 -27.50 3.02 -11.33
CA ILE B 33 -26.92 3.09 -12.71
C ILE B 33 -28.00 3.55 -13.69
N GLY B 34 -29.15 2.87 -13.70
CA GLY B 34 -30.29 3.15 -14.59
C GLY B 34 -30.64 4.63 -14.65
N ASN B 35 -30.63 5.32 -13.49
CA ASN B 35 -31.05 6.73 -13.36
C ASN B 35 -29.83 7.66 -13.39
N HIS B 36 -28.85 7.45 -12.52
CA HIS B 36 -27.77 8.44 -12.20
C HIS B 36 -26.50 8.18 -13.04
N TYR B 37 -25.58 9.15 -13.03
CA TYR B 37 -24.33 9.16 -13.82
C TYR B 37 -23.27 8.32 -13.10
N VAL B 38 -22.61 7.43 -13.85
CA VAL B 38 -21.60 6.46 -13.33
C VAL B 38 -20.21 7.09 -13.44
N SER B 39 -19.31 6.73 -12.53
CA SER B 39 -17.89 7.14 -12.52
C SER B 39 -17.01 5.93 -12.20
N TRP B 40 -15.90 5.77 -12.92
CA TRP B 40 -14.92 4.67 -12.75
C TRP B 40 -13.66 5.20 -12.09
N TYR B 41 -13.02 4.38 -11.26
CA TYR B 41 -11.75 4.70 -10.54
C TYR B 41 -10.73 3.59 -10.82
N GLN B 42 -9.45 3.97 -10.91
CA GLN B 42 -8.30 3.06 -11.13
C GLN B 42 -7.37 3.16 -9.92
N GLN B 43 -7.17 2.06 -9.20
CA GLN B 43 -6.23 1.95 -8.06
C GLN B 43 -5.11 0.97 -8.41
N LEU B 44 -3.94 1.51 -8.75
CA LEU B 44 -2.69 0.74 -8.98
C LEU B 44 -2.14 0.30 -7.61
N PRO B 45 -1.37 -0.81 -7.52
CA PRO B 45 -0.94 -1.34 -6.23
C PRO B 45 -0.28 -0.28 -5.34
N GLY B 46 -0.72 -0.19 -4.09
CA GLY B 46 -0.11 0.67 -3.06
C GLY B 46 -0.53 2.13 -3.16
N THR B 47 -1.07 2.56 -4.31
CA THR B 47 -1.42 3.98 -4.59
C THR B 47 -2.88 4.23 -4.19
N ALA B 48 -3.29 5.50 -4.12
CA ALA B 48 -4.67 5.93 -3.86
C ALA B 48 -5.50 5.75 -5.13
N PRO B 49 -6.84 5.65 -5.03
CA PRO B 49 -7.70 5.60 -6.22
C PRO B 49 -7.58 6.87 -7.07
N LYS B 50 -7.61 6.71 -8.40
CA LYS B 50 -7.55 7.81 -9.40
C LYS B 50 -8.82 7.76 -10.26
N LEU B 51 -9.46 8.92 -10.47
CA LEU B 51 -10.65 9.05 -11.35
C LEU B 51 -10.26 8.66 -12.79
N LEU B 52 -10.94 7.67 -13.36
CA LEU B 52 -10.79 7.23 -14.77
C LEU B 52 -11.80 8.00 -15.64
N ILE B 53 -13.08 7.79 -15.35
CA ILE B 53 -14.24 8.30 -16.14
C ILE B 53 -15.22 8.97 -15.18
N TYR B 54 -15.72 10.16 -15.53
CA TYR B 54 -16.77 10.90 -14.78
C TYR B 54 -17.93 11.23 -15.73
N ASP B 55 -19.11 11.47 -15.17
CA ASP B 55 -20.37 11.70 -15.93
C ASP B 55 -20.51 10.60 -16.99
N THR B 56 -20.28 9.35 -16.59
CA THR B 56 -20.60 8.10 -17.36
C THR B 56 -19.58 7.85 -18.47
N THR B 57 -19.24 8.85 -19.30
CA THR B 57 -18.49 8.67 -20.57
C THR B 57 -17.20 9.51 -20.62
N VAL B 58 -17.08 10.58 -19.84
CA VAL B 58 -16.00 11.60 -19.99
C VAL B 58 -14.72 11.05 -19.34
N LEU B 59 -13.60 11.09 -20.09
CA LEU B 59 -12.28 10.62 -19.62
C LEU B 59 -11.66 11.73 -18.75
N SER B 60 -11.10 11.36 -17.60
CA SER B 60 -10.35 12.28 -16.69
C SER B 60 -9.06 12.70 -17.38
N SER B 61 -8.37 13.71 -16.81
CA SER B 61 -7.05 14.22 -17.30
C SER B 61 -6.06 13.06 -17.44
N GLY B 62 -5.41 12.95 -18.61
CA GLY B 62 -4.29 12.02 -18.85
C GLY B 62 -4.73 10.62 -19.25
N ILE B 63 -6.03 10.31 -19.15
CA ILE B 63 -6.58 8.95 -19.47
C ILE B 63 -6.66 8.80 -20.98
N PRO B 64 -6.03 7.76 -21.57
CA PRO B 64 -6.05 7.56 -23.02
C PRO B 64 -7.40 7.02 -23.52
N ASP B 65 -7.68 7.25 -24.81
CA ASP B 65 -8.96 6.91 -25.49
C ASP B 65 -9.21 5.40 -25.44
N ARG B 66 -8.18 4.59 -25.20
CA ARG B 66 -8.29 3.12 -24.98
C ARG B 66 -9.39 2.84 -23.94
N PHE B 67 -9.51 3.71 -22.92
CA PHE B 67 -10.54 3.64 -21.86
C PHE B 67 -11.83 4.33 -22.34
N SER B 68 -12.97 3.64 -22.19
CA SER B 68 -14.31 4.11 -22.58
C SER B 68 -15.33 3.74 -21.50
N GLY B 69 -16.31 4.63 -21.26
CA GLY B 69 -17.43 4.42 -20.33
C GLY B 69 -18.75 4.30 -21.07
N SER B 70 -19.56 3.30 -20.69
CA SER B 70 -20.88 2.98 -21.30
C SER B 70 -21.94 2.79 -20.21
N LYS B 71 -23.21 2.88 -20.59
CA LYS B 71 -24.40 2.66 -19.71
C LYS B 71 -25.55 2.15 -20.56
N SER B 72 -25.82 0.84 -20.53
CA SER B 72 -26.93 0.16 -21.25
C SER B 72 -27.92 -0.41 -20.23
N GLY B 73 -29.04 0.30 -20.02
CA GLY B 73 -30.06 -0.05 -19.02
C GLY B 73 -29.55 0.14 -17.61
N THR B 74 -29.42 -0.94 -16.84
CA THR B 74 -29.02 -0.95 -15.40
C THR B 74 -27.55 -1.37 -15.27
N SER B 75 -26.83 -1.49 -16.39
CA SER B 75 -25.43 -1.99 -16.45
C SER B 75 -24.51 -0.91 -17.04
N ALA B 76 -23.47 -0.54 -16.28
CA ALA B 76 -22.37 0.35 -16.71
C ALA B 76 -21.17 -0.50 -17.12
N THR B 77 -20.61 -0.28 -18.31
CA THR B 77 -19.48 -1.05 -18.88
C THR B 77 -18.27 -0.13 -19.03
N LEU B 78 -17.18 -0.44 -18.31
CA LEU B 78 -15.82 0.15 -18.53
C LEU B 78 -15.15 -0.64 -19.65
N GLY B 79 -14.79 0.02 -20.76
CA GLY B 79 -14.12 -0.59 -21.92
C GLY B 79 -12.64 -0.24 -21.95
N ILE B 80 -11.79 -1.26 -22.09
CA ILE B 80 -10.31 -1.11 -22.26
C ILE B 80 -9.91 -1.88 -23.52
N THR B 81 -9.52 -1.17 -24.60
CA THR B 81 -8.97 -1.74 -25.85
C THR B 81 -7.44 -1.71 -25.79
N GLY B 82 -6.77 -2.42 -26.70
CA GLY B 82 -5.31 -2.48 -26.80
C GLY B 82 -4.67 -2.64 -25.44
N LEU B 83 -5.10 -3.65 -24.68
CA LEU B 83 -4.73 -3.88 -23.26
C LEU B 83 -3.21 -3.90 -23.11
N GLN B 84 -2.69 -3.15 -22.13
CA GLN B 84 -1.25 -3.05 -21.78
C GLN B 84 -1.09 -3.48 -20.32
N THR B 85 0.09 -3.96 -19.93
CA THR B 85 0.38 -4.50 -18.57
C THR B 85 0.24 -3.39 -17.53
N GLY B 86 0.48 -2.13 -17.93
CA GLY B 86 0.34 -0.94 -17.07
C GLY B 86 -1.10 -0.66 -16.67
N ASP B 87 -2.07 -1.42 -17.19
CA ASP B 87 -3.52 -1.27 -16.88
C ASP B 87 -3.92 -2.22 -15.73
N GLU B 88 -3.04 -3.15 -15.33
CA GLU B 88 -3.27 -4.05 -14.18
C GLU B 88 -3.53 -3.19 -12.93
N ALA B 89 -4.76 -3.26 -12.40
CA ALA B 89 -5.24 -2.42 -11.28
C ALA B 89 -6.58 -2.97 -10.78
N ASP B 90 -7.07 -2.43 -9.65
CA ASP B 90 -8.45 -2.61 -9.15
C ASP B 90 -9.29 -1.46 -9.71
N TYR B 91 -10.45 -1.78 -10.32
CA TYR B 91 -11.34 -0.81 -10.99
C TYR B 91 -12.69 -0.78 -10.26
N TYR B 92 -13.12 0.41 -9.84
CA TYR B 92 -14.35 0.66 -9.06
C TYR B 92 -15.31 1.56 -9.85
N CYS B 93 -16.56 1.13 -9.98
CA CYS B 93 -17.70 1.97 -10.48
C CYS B 93 -18.32 2.70 -9.28
N GLY B 94 -18.73 3.95 -9.48
CA GLY B 94 -19.37 4.79 -8.46
C GLY B 94 -20.52 5.60 -9.04
N THR B 95 -21.63 5.68 -8.31
CA THR B 95 -22.85 6.48 -8.67
C THR B 95 -23.63 6.78 -7.38
N TRP B 96 -24.78 7.45 -7.50
CA TRP B 96 -25.73 7.68 -6.38
C TRP B 96 -26.87 6.66 -6.47
N ASP B 97 -27.17 5.98 -5.36
CA ASP B 97 -28.31 5.06 -5.21
C ASP B 97 -29.48 5.83 -4.58
N GLU B 98 -30.69 5.73 -5.16
CA GLU B 98 -31.89 6.50 -4.75
C GLU B 98 -32.47 5.94 -3.46
N LEU B 99 -32.58 4.60 -3.36
CA LEU B 99 -33.15 3.90 -2.17
C LEU B 99 -32.47 4.39 -0.90
N THR B 100 -31.14 4.36 -0.86
CA THR B 100 -30.30 4.90 0.24
C THR B 100 -30.09 6.40 0.01
N SER B 101 -29.51 7.10 0.99
CA SER B 101 -29.11 8.53 0.90
C SER B 101 -27.58 8.63 1.05
N ASN B 102 -26.83 8.04 0.12
CA ASN B 102 -25.34 8.01 0.15
C ASN B 102 -24.77 7.78 -1.25
N LEU B 103 -23.48 8.06 -1.42
CA LEU B 103 -22.65 7.72 -2.60
C LEU B 103 -22.19 6.27 -2.46
N VAL B 104 -22.39 5.45 -3.50
CA VAL B 104 -22.10 3.98 -3.47
C VAL B 104 -20.91 3.68 -4.39
N PHE B 105 -20.21 2.57 -4.12
CA PHE B 105 -19.13 1.99 -4.96
C PHE B 105 -19.43 0.51 -5.21
N GLY B 106 -19.03 0.01 -6.37
CA GLY B 106 -19.00 -1.43 -6.67
C GLY B 106 -17.92 -2.12 -5.86
N GLY B 107 -18.02 -3.44 -5.67
CA GLY B 107 -17.08 -4.25 -4.88
C GLY B 107 -15.65 -4.13 -5.37
N GLY B 108 -15.47 -3.85 -6.66
CA GLY B 108 -14.15 -3.68 -7.32
C GLY B 108 -13.85 -4.88 -8.20
N THR B 109 -13.08 -4.66 -9.27
CA THR B 109 -12.65 -5.70 -10.24
C THR B 109 -11.12 -5.69 -10.36
N LYS B 110 -10.46 -6.76 -9.92
CA LYS B 110 -9.01 -6.97 -10.09
C LYS B 110 -8.74 -7.37 -11.55
N LEU B 111 -8.02 -6.54 -12.30
CA LEU B 111 -7.71 -6.76 -13.74
C LEU B 111 -6.30 -7.34 -13.88
N THR B 112 -6.20 -8.61 -14.27
CA THR B 112 -4.94 -9.32 -14.58
C THR B 112 -4.70 -9.28 -16.08
N VAL B 113 -3.46 -9.00 -16.51
CA VAL B 113 -3.01 -9.05 -17.93
C VAL B 113 -2.23 -10.35 -18.13
N LEU B 114 -2.75 -11.25 -18.98
CA LEU B 114 -2.21 -12.63 -19.17
C LEU B 114 -0.99 -12.58 -20.09
N GLY B 115 -0.26 -13.70 -20.19
CA GLY B 115 0.88 -13.89 -21.10
C GLY B 115 2.05 -12.98 -20.79
N GLN B 116 2.20 -12.56 -19.53
CA GLN B 116 3.39 -11.79 -19.06
C GLN B 116 4.56 -12.77 -18.94
N PRO B 117 5.80 -12.34 -19.26
CA PRO B 117 6.95 -13.24 -19.26
C PRO B 117 7.31 -13.71 -17.84
N LYS B 118 7.48 -15.03 -17.67
CA LYS B 118 8.00 -15.67 -16.43
C LYS B 118 9.34 -15.03 -16.06
N ALA B 119 9.54 -14.71 -14.78
CA ALA B 119 10.75 -14.05 -14.24
C ALA B 119 11.22 -14.81 -12.99
N ALA B 120 12.44 -15.33 -13.03
CA ALA B 120 13.13 -15.96 -11.87
C ALA B 120 13.41 -14.88 -10.83
N PRO B 121 13.20 -15.16 -9.53
CA PRO B 121 13.39 -14.15 -8.49
C PRO B 121 14.88 -13.82 -8.22
N SER B 122 15.16 -12.55 -7.95
CA SER B 122 16.44 -12.06 -7.37
C SER B 122 16.35 -12.13 -5.85
N VAL B 123 17.19 -12.96 -5.22
CA VAL B 123 17.18 -13.25 -3.76
C VAL B 123 18.43 -12.62 -3.14
N THR B 124 18.26 -11.85 -2.07
CA THR B 124 19.34 -11.24 -1.26
C THR B 124 19.11 -11.60 0.22
N LEU B 125 20.08 -12.30 0.82
CA LEU B 125 20.07 -12.67 2.26
C LEU B 125 21.09 -11.81 3.00
N PHE B 126 20.63 -10.98 3.95
CA PHE B 126 21.46 -10.19 4.88
C PHE B 126 21.50 -10.90 6.24
N PRO B 127 22.69 -11.02 6.87
CA PRO B 127 22.79 -11.54 8.23
C PRO B 127 22.42 -10.44 9.24
N PRO B 128 22.33 -10.75 10.55
CA PRO B 128 22.09 -9.72 11.56
C PRO B 128 23.15 -8.63 11.48
N SER B 129 22.74 -7.36 11.59
CA SER B 129 23.64 -6.18 11.60
C SER B 129 24.42 -6.16 12.92
N SER B 130 25.54 -5.44 12.97
CA SER B 130 26.32 -5.22 14.22
C SER B 130 25.40 -4.64 15.29
N GLU B 131 24.69 -3.55 14.95
CA GLU B 131 23.76 -2.82 15.86
C GLU B 131 22.81 -3.79 16.56
N GLU B 132 22.13 -4.67 15.81
CA GLU B 132 21.07 -5.56 16.36
C GLU B 132 21.69 -6.53 17.37
N LEU B 133 22.83 -7.14 17.03
CA LEU B 133 23.58 -8.10 17.89
C LEU B 133 24.05 -7.40 19.17
N GLN B 134 24.33 -6.08 19.10
CA GLN B 134 24.74 -5.24 20.25
C GLN B 134 23.53 -5.07 21.19
N ALA B 135 22.31 -5.07 20.63
CA ALA B 135 21.03 -4.94 21.34
C ALA B 135 20.50 -6.32 21.75
N ASN B 136 21.29 -7.38 21.54
CA ASN B 136 21.00 -8.77 22.00
C ASN B 136 19.82 -9.35 21.21
N LYS B 137 19.80 -9.11 19.89
CA LYS B 137 18.78 -9.67 18.94
C LYS B 137 19.48 -10.04 17.62
N ALA B 138 18.92 -11.00 16.89
CA ALA B 138 19.44 -11.49 15.59
C ALA B 138 18.27 -11.77 14.63
N THR B 139 18.16 -10.98 13.56
CA THR B 139 17.15 -11.15 12.48
C THR B 139 17.88 -11.36 11.15
N LEU B 140 17.71 -12.54 10.53
CA LEU B 140 18.12 -12.81 9.13
C LEU B 140 17.02 -12.27 8.21
N VAL B 141 17.41 -11.42 7.24
CA VAL B 141 16.48 -10.69 6.34
C VAL B 141 16.68 -11.21 4.91
N CYS B 142 15.75 -12.04 4.43
CA CYS B 142 15.72 -12.60 3.05
C CYS B 142 14.72 -11.81 2.21
N LEU B 143 15.21 -11.08 1.21
CA LEU B 143 14.40 -10.19 0.33
C LEU B 143 14.39 -10.76 -1.09
N ILE B 144 13.19 -10.89 -1.66
CA ILE B 144 12.90 -11.59 -2.94
C ILE B 144 12.15 -10.59 -3.84
N SER B 145 12.70 -10.29 -5.03
CA SER B 145 12.23 -9.20 -5.91
C SER B 145 12.15 -9.65 -7.37
N ASP B 146 11.34 -8.96 -8.17
CA ASP B 146 11.38 -8.97 -9.66
C ASP B 146 11.05 -10.37 -10.20
N PHE B 147 10.04 -11.03 -9.64
CA PHE B 147 9.61 -12.40 -10.07
C PHE B 147 8.14 -12.39 -10.52
N TYR B 148 7.82 -13.29 -11.45
CA TYR B 148 6.46 -13.51 -12.00
C TYR B 148 6.34 -14.96 -12.47
N PRO B 149 5.25 -15.70 -12.14
CA PRO B 149 4.11 -15.19 -11.36
C PRO B 149 4.42 -14.95 -9.88
N GLY B 150 3.38 -14.64 -9.09
CA GLY B 150 3.50 -14.17 -7.69
C GLY B 150 3.55 -15.30 -6.67
N ALA B 151 3.60 -16.56 -7.11
CA ALA B 151 3.65 -17.76 -6.22
C ALA B 151 5.11 -18.11 -5.91
N VAL B 152 5.54 -17.83 -4.67
CA VAL B 152 6.87 -18.25 -4.11
C VAL B 152 6.64 -18.89 -2.74
N THR B 153 7.56 -19.76 -2.31
CA THR B 153 7.65 -20.28 -0.93
C THR B 153 9.07 -20.02 -0.40
N VAL B 154 9.17 -19.60 0.86
CA VAL B 154 10.46 -19.35 1.55
C VAL B 154 10.61 -20.35 2.70
N ALA B 155 11.61 -21.23 2.62
CA ALA B 155 12.02 -22.17 3.68
C ALA B 155 13.37 -21.71 4.24
N TRP B 156 13.63 -22.01 5.51
CA TRP B 156 14.90 -21.68 6.22
C TRP B 156 15.59 -22.97 6.65
N LYS B 157 16.90 -23.05 6.43
CA LYS B 157 17.78 -24.15 6.92
C LYS B 157 18.80 -23.57 7.90
N ALA B 158 19.17 -24.35 8.92
CA ALA B 158 20.29 -24.09 9.85
C ALA B 158 21.22 -25.30 9.85
N ASP B 159 22.36 -25.19 9.18
CA ASP B 159 23.31 -26.31 8.88
C ASP B 159 22.56 -27.38 8.08
N SER B 160 21.78 -26.94 7.07
CA SER B 160 20.98 -27.81 6.16
C SER B 160 19.96 -28.63 6.95
N SER B 161 19.47 -28.10 8.08
CA SER B 161 18.35 -28.66 8.89
C SER B 161 17.18 -27.67 8.87
N PRO B 162 15.94 -28.14 8.56
CA PRO B 162 14.80 -27.24 8.43
C PRO B 162 14.43 -26.58 9.77
N VAL B 163 14.26 -25.26 9.77
CA VAL B 163 13.95 -24.43 10.97
C VAL B 163 12.63 -23.68 10.70
N LYS B 164 11.68 -23.77 11.64
CA LYS B 164 10.29 -23.26 11.49
C LYS B 164 10.02 -22.15 12.52
N ALA B 165 10.60 -22.25 13.71
CA ALA B 165 10.47 -21.26 14.81
C ALA B 165 11.18 -19.96 14.42
N GLY B 166 10.46 -18.83 14.52
CA GLY B 166 10.99 -17.47 14.27
C GLY B 166 10.79 -17.03 12.83
N VAL B 167 10.16 -17.86 12.00
CA VAL B 167 10.00 -17.64 10.53
C VAL B 167 8.73 -16.79 10.31
N GLU B 168 8.90 -15.59 9.78
CA GLU B 168 7.80 -14.65 9.41
C GLU B 168 7.99 -14.23 7.94
N THR B 169 7.02 -14.55 7.08
CA THR B 169 7.07 -14.29 5.62
C THR B 169 5.89 -13.41 5.20
N THR B 170 6.16 -12.35 4.43
CA THR B 170 5.16 -11.43 3.84
C THR B 170 4.41 -12.14 2.71
N THR B 171 3.16 -11.75 2.48
CA THR B 171 2.39 -12.06 1.24
C THR B 171 3.18 -11.50 0.07
N PRO B 172 3.46 -12.28 -0.99
CA PRO B 172 4.02 -11.73 -2.23
C PRO B 172 3.10 -10.62 -2.77
N SER B 173 3.65 -9.43 -2.99
CA SER B 173 2.92 -8.21 -3.41
C SER B 173 3.47 -7.71 -4.75
N LYS B 174 2.59 -7.21 -5.61
CA LYS B 174 2.93 -6.67 -6.95
C LYS B 174 3.77 -5.39 -6.79
N GLN B 175 4.89 -5.29 -7.52
CA GLN B 175 5.75 -4.09 -7.62
C GLN B 175 5.06 -3.05 -8.52
N SER B 176 5.74 -1.93 -8.79
CA SER B 176 5.28 -0.86 -9.72
C SER B 176 5.46 -1.29 -11.18
N ASN B 177 6.37 -2.23 -11.46
CA ASN B 177 6.69 -2.74 -12.82
C ASN B 177 5.98 -4.07 -13.08
N ASN B 178 4.98 -4.42 -12.26
CA ASN B 178 4.03 -5.56 -12.44
C ASN B 178 4.70 -6.90 -12.06
N LYS B 179 5.96 -6.90 -11.63
CA LYS B 179 6.63 -8.09 -11.04
C LYS B 179 6.25 -8.14 -9.56
N TYR B 180 6.55 -9.26 -8.88
CA TYR B 180 6.16 -9.50 -7.46
C TYR B 180 7.40 -9.42 -6.56
N ALA B 181 7.17 -9.03 -5.30
CA ALA B 181 8.20 -8.89 -4.23
C ALA B 181 7.68 -9.54 -2.94
N ALA B 182 8.54 -10.31 -2.27
CA ALA B 182 8.26 -10.96 -0.97
C ALA B 182 9.44 -10.72 -0.03
N SER B 183 9.19 -10.88 1.27
CA SER B 183 10.19 -10.80 2.37
C SER B 183 9.98 -11.97 3.32
N SER B 184 11.06 -12.51 3.89
CA SER B 184 11.03 -13.51 4.99
C SER B 184 12.03 -13.13 6.07
N TYR B 185 11.66 -13.34 7.34
CA TYR B 185 12.46 -12.98 8.54
C TYR B 185 12.58 -14.21 9.44
N LEU B 186 13.83 -14.59 9.77
CA LEU B 186 14.13 -15.60 10.81
C LEU B 186 14.69 -14.87 12.04
N SER B 187 13.86 -14.68 13.05
CA SER B 187 14.22 -14.03 14.35
C SER B 187 14.97 -15.05 15.22
N LEU B 188 16.15 -14.67 15.70
CA LEU B 188 17.03 -15.52 16.56
C LEU B 188 17.56 -14.66 17.71
N THR B 189 18.14 -15.33 18.72
CA THR B 189 19.05 -14.73 19.73
C THR B 189 20.43 -14.67 19.11
N PRO B 190 21.31 -13.73 19.53
CA PRO B 190 22.71 -13.70 19.08
C PRO B 190 23.44 -15.04 19.25
N GLU B 191 23.07 -15.82 20.27
CA GLU B 191 23.67 -17.14 20.60
C GLU B 191 23.32 -18.16 19.51
N GLN B 192 22.05 -18.21 19.09
CA GLN B 192 21.53 -19.21 18.11
C GLN B 192 22.19 -18.95 16.76
N TRP B 193 22.34 -17.67 16.40
CA TRP B 193 23.04 -17.18 15.18
C TRP B 193 24.48 -17.70 15.14
N LYS B 194 25.25 -17.44 16.20
CA LYS B 194 26.70 -17.78 16.30
C LYS B 194 26.89 -19.27 16.57
N SER B 195 25.86 -19.96 17.08
CA SER B 195 25.89 -21.41 17.42
C SER B 195 26.10 -22.25 16.15
N HIS B 196 25.26 -22.04 15.13
CA HIS B 196 25.25 -22.83 13.85
C HIS B 196 26.34 -22.31 12.90
N ARG B 197 26.81 -23.19 12.01
CA ARG B 197 27.88 -22.92 11.00
C ARG B 197 27.33 -21.96 9.93
N SER B 198 26.09 -22.19 9.47
CA SER B 198 25.43 -21.38 8.41
C SER B 198 23.90 -21.43 8.56
N TYR B 199 23.24 -20.43 7.98
CA TYR B 199 21.77 -20.36 7.77
C TYR B 199 21.49 -20.10 6.30
N SER B 200 20.43 -20.70 5.75
CA SER B 200 20.08 -20.65 4.31
C SER B 200 18.62 -20.23 4.12
N CYS B 201 18.37 -19.31 3.19
CA CYS B 201 17.03 -18.90 2.70
C CYS B 201 16.75 -19.62 1.39
N GLN B 202 15.89 -20.64 1.42
CA GLN B 202 15.50 -21.45 0.23
C GLN B 202 14.21 -20.87 -0.37
N VAL B 203 14.35 -20.15 -1.50
CA VAL B 203 13.23 -19.55 -2.27
C VAL B 203 12.92 -20.47 -3.45
N THR B 204 11.73 -21.07 -3.46
CA THR B 204 11.22 -21.93 -4.58
C THR B 204 10.26 -21.10 -5.43
N HIS B 205 10.45 -21.13 -6.76
CA HIS B 205 9.63 -20.41 -7.76
C HIS B 205 9.57 -21.23 -9.05
N GLU B 206 8.37 -21.67 -9.44
CA GLU B 206 8.09 -22.43 -10.69
C GLU B 206 9.01 -23.66 -10.76
N GLY B 207 8.99 -24.49 -9.72
CA GLY B 207 9.75 -25.76 -9.65
C GLY B 207 11.19 -25.55 -9.18
N SER B 208 11.82 -24.43 -9.59
CA SER B 208 13.25 -24.12 -9.34
C SER B 208 13.42 -23.42 -7.99
N THR B 209 14.54 -23.68 -7.31
CA THR B 209 14.87 -23.15 -5.95
C THR B 209 16.17 -22.35 -6.00
N VAL B 210 16.14 -21.09 -5.55
CA VAL B 210 17.34 -20.23 -5.32
C VAL B 210 17.61 -20.18 -3.81
N GLU B 211 18.72 -20.77 -3.38
CA GLU B 211 19.14 -20.83 -1.95
C GLU B 211 20.34 -19.91 -1.74
N LYS B 212 20.23 -18.93 -0.84
CA LYS B 212 21.35 -18.04 -0.42
C LYS B 212 21.72 -18.36 1.03
N THR B 213 23.02 -18.34 1.33
CA THR B 213 23.60 -18.76 2.64
C THR B 213 24.38 -17.59 3.25
N VAL B 214 24.33 -17.46 4.57
CA VAL B 214 25.15 -16.51 5.38
C VAL B 214 25.74 -17.28 6.57
N ALA B 215 26.95 -16.91 6.99
CA ALA B 215 27.68 -17.55 8.11
C ALA B 215 28.00 -16.51 9.18
N PRO B 216 27.90 -16.86 10.49
CA PRO B 216 28.30 -15.96 11.57
C PRO B 216 29.81 -15.66 11.58
N THR B 217 30.61 -16.53 10.96
CA THR B 217 32.09 -16.37 10.80
C THR B 217 32.38 -15.81 9.39
N GLU B 218 31.55 -14.86 8.92
CA GLU B 218 31.56 -14.28 7.54
C GLU B 218 32.55 -15.03 6.65
#